data_8DU9
#
_entry.id   8DU9
#
_cell.length_a   102.248
_cell.length_b   58.079
_cell.length_c   87.570
_cell.angle_alpha   90.000
_cell.angle_beta   103.000
_cell.angle_gamma   90.000
#
_symmetry.space_group_name_H-M   'C 1 2 1'
#
loop_
_entity.id
_entity.type
_entity.pdbx_description
1 polymer 'Estrogen receptor'
2 non-polymer "[(1'R)-6'-hydroxy-1'-{4-[2-(piperidin-1-yl)ethoxy]phenyl}-1',4'-dihydro-2'H-spiro[cyclopropane-1,3'-isoquinolin]-2'-yl](phenyl)methanone"
3 water water
#
_entity_poly.entity_id   1
_entity_poly.type   'polypeptide(L)'
_entity_poly.pdbx_seq_one_letter_code
;MSKKNSLALSLTADQMVSALLDAEPPILYSEYDPTRPFSEASMMGLLTNLADRELVHMINWAKRVPGFVDLTLHDQVHLL
ESAWLEILMIGLVWRSMEHPGKLLFAPNLLLDRNQGKSVEGMVEIFDMLLATSSRFRMMNLQGEEFVCLKSIILLNSGVY
TFLSSTLKSLEEKDHIHRVLDKITDTLIHLMAKAGLTLQQQHQRLAQLLLILSHIRHMSNKGMEHLYSMKSKNVVPSYDL
LLEMLDAHRLHAPTS
;
_entity_poly.pdbx_strand_id   A,B
#
loop_
_chem_comp.id
_chem_comp.type
_chem_comp.name
_chem_comp.formula
TT5 non-polymer [(1'R)-6'-hydroxy-1'-{4-[2-(piperidin-1-yl)ethoxy]phenyl}-1',4'-dihydro-2'H-spiro[cyclopropane-1,3'-isoquinolin]-2'-yl](phenyl)methanone 'C31 H34 N2 O3'
#
# COMPACT_ATOMS: atom_id res chain seq x y z
N THR A 12 11.65 22.35 -9.42
CA THR A 12 10.35 22.16 -10.04
C THR A 12 10.16 20.71 -10.47
N ALA A 13 8.98 20.40 -10.99
CA ALA A 13 8.65 19.02 -11.41
C ALA A 13 9.66 18.54 -12.45
N ASP A 14 10.05 19.39 -13.37
CA ASP A 14 11.02 18.99 -14.42
C ASP A 14 12.38 18.68 -13.82
N GLN A 15 12.82 19.45 -12.84
CA GLN A 15 14.13 19.22 -12.19
C GLN A 15 13.97 18.03 -11.27
N MET A 16 12.76 17.78 -10.78
CA MET A 16 12.55 16.59 -9.92
C MET A 16 12.67 15.34 -10.78
N VAL A 17 11.99 15.33 -11.92
CA VAL A 17 12.05 14.16 -12.84
C VAL A 17 13.49 13.92 -13.26
N SER A 18 14.19 14.95 -13.71
CA SER A 18 15.55 14.79 -14.24
C SER A 18 16.50 14.25 -13.17
N ALA A 19 16.41 14.79 -11.95
CA ALA A 19 17.24 14.28 -10.87
C ALA A 19 16.96 12.80 -10.61
N LEU A 20 15.69 12.41 -10.65
CA LEU A 20 15.33 11.01 -10.42
C LEU A 20 15.76 10.14 -11.60
N LEU A 21 15.62 10.64 -12.81
CA LEU A 21 16.03 9.88 -14.01
C LEU A 21 17.56 9.74 -14.02
N ASP A 22 18.27 10.71 -13.49
CA ASP A 22 19.76 10.68 -13.49
C ASP A 22 20.27 9.89 -12.28
N ALA A 23 19.44 9.71 -11.26
CA ALA A 23 19.86 8.97 -10.06
C ALA A 23 19.57 7.48 -10.23
N GLU A 24 18.94 7.11 -11.34
CA GLU A 24 18.55 5.71 -11.63
C GLU A 24 19.76 4.78 -11.60
N PRO A 25 19.70 3.63 -10.91
CA PRO A 25 20.81 2.71 -10.88
C PRO A 25 20.91 1.85 -12.14
N PRO A 26 22.06 1.22 -12.39
CA PRO A 26 22.20 0.38 -13.55
C PRO A 26 21.58 -1.01 -13.47
N ILE A 27 21.34 -1.61 -14.62
CA ILE A 27 20.83 -3.00 -14.66
C ILE A 27 22.03 -3.92 -14.44
N LEU A 28 21.93 -4.82 -13.48
CA LEU A 28 23.02 -5.72 -13.16
C LEU A 28 22.77 -7.10 -13.75
N TYR A 29 23.87 -7.86 -13.90
CA TYR A 29 23.83 -9.22 -14.42
C TYR A 29 24.06 -10.21 -13.29
N SER A 30 23.60 -11.44 -13.50
CA SER A 30 23.78 -12.51 -12.53
C SER A 30 25.23 -12.99 -12.52
N PRO A 37 25.05 -24.33 -18.39
CA PRO A 37 23.77 -24.92 -18.06
C PRO A 37 23.20 -24.31 -16.78
N PHE A 38 21.95 -23.84 -16.84
CA PHE A 38 21.32 -23.30 -15.65
C PHE A 38 21.01 -24.40 -14.66
N SER A 39 21.18 -24.10 -13.38
CA SER A 39 20.94 -25.06 -12.30
C SER A 39 19.85 -24.51 -11.40
N GLU A 40 18.83 -25.34 -11.14
CA GLU A 40 17.74 -24.92 -10.26
C GLU A 40 18.20 -24.78 -8.81
N ALA A 41 19.18 -25.58 -8.40
CA ALA A 41 19.65 -25.53 -7.01
C ALA A 41 20.38 -24.22 -6.72
N SER A 42 21.12 -23.70 -7.70
CA SER A 42 21.85 -22.45 -7.52
C SER A 42 21.00 -21.21 -7.74
N MET A 43 19.69 -21.38 -7.96
CA MET A 43 18.83 -20.23 -8.23
C MET A 43 18.84 -19.24 -7.07
N MET A 44 18.55 -19.73 -5.85
CA MET A 44 18.54 -18.84 -4.70
C MET A 44 19.92 -18.24 -4.43
N GLY A 45 20.98 -18.98 -4.78
CA GLY A 45 22.32 -18.40 -4.70
C GLY A 45 22.51 -17.26 -5.67
N LEU A 46 22.09 -17.47 -6.92
CA LEU A 46 22.19 -16.42 -7.93
C LEU A 46 21.36 -15.20 -7.54
N LEU A 47 20.13 -15.44 -7.06
CA LEU A 47 19.23 -14.33 -6.72
C LEU A 47 19.71 -13.58 -5.48
N THR A 48 20.33 -14.27 -4.53
CA THR A 48 20.84 -13.60 -3.34
C THR A 48 22.05 -12.73 -3.69
N ASN A 49 23.00 -13.28 -4.45
CA ASN A 49 24.17 -12.51 -4.86
C ASN A 49 23.78 -11.26 -5.64
N LEU A 50 22.80 -11.40 -6.53
CA LEU A 50 22.35 -10.27 -7.36
C LEU A 50 21.73 -9.17 -6.49
N ALA A 51 20.90 -9.53 -5.53
CA ALA A 51 20.22 -8.56 -4.63
C ALA A 51 21.22 -7.86 -3.71
N ASP A 52 22.29 -8.55 -3.31
CA ASP A 52 23.35 -8.00 -2.44
C ASP A 52 24.11 -6.93 -3.22
N ARG A 53 24.28 -7.15 -4.51
CA ARG A 53 24.98 -6.17 -5.36
C ARG A 53 24.04 -5.01 -5.67
N GLU A 54 22.75 -5.28 -5.78
CA GLU A 54 21.80 -4.19 -6.10
C GLU A 54 21.69 -3.28 -4.89
N LEU A 55 21.84 -3.84 -3.70
CA LEU A 55 21.71 -3.04 -2.48
C LEU A 55 22.73 -1.91 -2.46
N VAL A 56 23.95 -2.18 -2.94
CA VAL A 56 24.98 -1.14 -2.96
C VAL A 56 24.55 0.01 -3.85
N HIS A 57 24.10 -0.29 -5.06
CA HIS A 57 23.65 0.76 -5.98
C HIS A 57 22.37 1.42 -5.48
N MET A 58 21.54 0.68 -4.74
CA MET A 58 20.34 1.29 -4.16
C MET A 58 20.69 2.34 -3.12
N ILE A 59 21.73 2.09 -2.33
CA ILE A 59 22.20 3.09 -1.37
C ILE A 59 22.60 4.37 -2.10
N ASN A 60 23.33 4.23 -3.20
CA ASN A 60 23.73 5.40 -3.98
C ASN A 60 22.52 6.13 -4.55
N TRP A 61 21.54 5.38 -5.03
CA TRP A 61 20.35 6.00 -5.61
C TRP A 61 19.57 6.78 -4.57
N ALA A 62 19.39 6.20 -3.37
CA ALA A 62 18.63 6.88 -2.33
C ALA A 62 19.25 8.20 -1.94
N LYS A 63 20.59 8.25 -1.88
CA LYS A 63 21.29 9.48 -1.52
C LYS A 63 21.07 10.59 -2.55
N ARG A 64 20.62 10.26 -3.75
CA ARG A 64 20.37 11.24 -4.78
C ARG A 64 18.88 11.54 -4.98
N VAL A 65 18.01 10.90 -4.20
CA VAL A 65 16.60 11.26 -4.19
C VAL A 65 16.48 12.58 -3.43
N PRO A 66 15.89 13.62 -4.01
CA PRO A 66 15.89 14.93 -3.37
C PRO A 66 15.23 14.89 -2.00
N GLY A 67 15.88 15.55 -1.03
CA GLY A 67 15.40 15.60 0.33
C GLY A 67 15.81 14.45 1.21
N PHE A 68 16.35 13.38 0.64
CA PHE A 68 16.67 12.20 1.43
C PHE A 68 17.87 12.43 2.34
N VAL A 69 18.95 13.00 1.81
CA VAL A 69 20.14 13.23 2.63
C VAL A 69 20.01 14.42 3.56
N ASP A 70 18.96 15.24 3.39
CA ASP A 70 18.65 16.24 4.42
C ASP A 70 18.27 15.58 5.73
N LEU A 71 17.78 14.34 5.68
CA LEU A 71 17.40 13.62 6.88
C LEU A 71 18.65 13.18 7.65
N THR A 72 18.46 12.88 8.93
CA THR A 72 19.54 12.35 9.73
C THR A 72 19.98 10.99 9.20
N LEU A 73 21.21 10.59 9.54
CA LEU A 73 21.73 9.31 9.05
C LEU A 73 20.84 8.16 9.53
N HIS A 74 20.34 8.28 10.76
CA HIS A 74 19.57 7.22 11.41
C HIS A 74 18.19 7.05 10.78
N ASP A 75 17.52 8.14 10.44
CA ASP A 75 16.23 8.02 9.76
C ASP A 75 16.42 7.58 8.31
N GLN A 76 17.56 7.92 7.70
CA GLN A 76 17.87 7.38 6.38
C GLN A 76 17.98 5.86 6.43
N VAL A 77 18.64 5.33 7.46
CA VAL A 77 18.74 3.89 7.60
C VAL A 77 17.36 3.27 7.84
N HIS A 78 16.58 3.87 8.74
CA HIS A 78 15.25 3.35 9.04
C HIS A 78 14.37 3.35 7.79
N LEU A 79 14.44 4.41 6.99
CA LEU A 79 13.69 4.46 5.74
C LEU A 79 14.14 3.34 4.80
N LEU A 80 15.46 3.18 4.64
CA LEU A 80 15.96 2.11 3.79
C LEU A 80 15.71 0.74 4.38
N GLU A 81 15.67 0.64 5.71
CA GLU A 81 15.35 -0.61 6.36
C GLU A 81 13.93 -1.08 6.02
N SER A 82 13.01 -0.14 5.84
CA SER A 82 11.61 -0.50 5.58
C SER A 82 11.36 -0.78 4.10
N ALA A 83 12.07 -0.11 3.20
CA ALA A 83 11.69 -0.08 1.80
C ALA A 83 12.56 -0.93 0.88
N TRP A 84 13.71 -1.43 1.36
CA TRP A 84 14.70 -2.01 0.47
C TRP A 84 14.13 -3.17 -0.36
N LEU A 85 13.30 -4.01 0.25
CA LEU A 85 12.73 -5.12 -0.51
C LEU A 85 11.68 -4.64 -1.49
N GLU A 86 10.83 -3.69 -1.06
CA GLU A 86 9.87 -3.05 -1.97
C GLU A 86 10.58 -2.48 -3.20
N ILE A 87 11.70 -1.80 -2.97
CA ILE A 87 12.40 -1.13 -4.06
C ILE A 87 13.02 -2.14 -5.01
N LEU A 88 13.62 -3.21 -4.47
CA LEU A 88 14.10 -4.30 -5.32
C LEU A 88 12.96 -4.90 -6.14
N MET A 89 11.77 -5.00 -5.54
CA MET A 89 10.65 -5.66 -6.20
C MET A 89 10.07 -4.80 -7.31
N ILE A 90 9.87 -3.50 -7.05
CA ILE A 90 9.30 -2.64 -8.08
C ILE A 90 10.28 -2.49 -9.25
N GLY A 91 11.59 -2.48 -8.96
CA GLY A 91 12.56 -2.48 -10.03
C GLY A 91 12.52 -3.77 -10.85
N LEU A 92 12.30 -4.89 -10.16
CA LEU A 92 12.13 -6.16 -10.85
C LEU A 92 10.86 -6.17 -11.70
N VAL A 93 9.76 -5.67 -11.12
CA VAL A 93 8.49 -5.60 -11.85
C VAL A 93 8.65 -4.70 -13.07
N TRP A 94 9.34 -3.57 -12.92
CA TRP A 94 9.56 -2.66 -14.03
C TRP A 94 10.43 -3.29 -15.10
N ARG A 95 11.49 -4.00 -14.71
CA ARG A 95 12.35 -4.65 -15.68
C ARG A 95 11.62 -5.77 -16.42
N SER A 96 10.58 -6.30 -15.80
CA SER A 96 9.82 -7.44 -16.39
C SER A 96 8.58 -6.96 -17.14
N MET A 97 8.26 -5.68 -17.05
CA MET A 97 7.03 -5.09 -17.62
C MET A 97 6.76 -5.54 -19.07
N GLU A 98 7.75 -5.54 -19.94
CA GLU A 98 7.51 -5.88 -21.35
C GLU A 98 7.89 -7.32 -21.72
N HIS A 99 7.85 -8.24 -20.75
CA HIS A 99 8.11 -9.67 -21.02
C HIS A 99 7.01 -10.43 -20.31
N PRO A 100 5.77 -10.42 -20.83
CA PRO A 100 4.65 -11.05 -20.17
C PRO A 100 4.89 -12.49 -19.70
N GLY A 101 4.55 -12.77 -18.44
CA GLY A 101 4.71 -14.08 -17.86
C GLY A 101 6.07 -14.37 -17.30
N LYS A 102 7.01 -13.44 -17.40
CA LYS A 102 8.38 -13.69 -16.98
C LYS A 102 8.80 -12.58 -16.04
N LEU A 103 9.72 -12.90 -15.16
CA LEU A 103 10.44 -11.90 -14.39
C LEU A 103 11.89 -11.84 -14.84
N LEU A 104 12.35 -10.63 -15.16
CA LEU A 104 13.70 -10.41 -15.65
C LEU A 104 14.53 -9.90 -14.47
N PHE A 105 14.96 -10.86 -13.64
CA PHE A 105 15.85 -10.53 -12.52
C PHE A 105 17.14 -9.92 -13.03
N ALA A 106 17.67 -10.43 -14.13
CA ALA A 106 18.82 -9.88 -14.82
C ALA A 106 18.63 -10.17 -16.31
N PRO A 107 19.29 -9.38 -17.17
CA PRO A 107 19.19 -9.67 -18.62
C PRO A 107 19.58 -11.09 -18.99
N ASN A 108 20.41 -11.74 -18.18
CA ASN A 108 20.78 -13.13 -18.38
C ASN A 108 20.16 -14.05 -17.32
N LEU A 109 19.04 -13.62 -16.71
CA LEU A 109 18.36 -14.43 -15.69
C LEU A 109 16.86 -14.11 -15.80
N LEU A 110 16.21 -14.74 -16.78
CA LEU A 110 14.79 -14.56 -17.05
C LEU A 110 14.07 -15.84 -16.66
N LEU A 111 13.16 -15.75 -15.70
CA LEU A 111 12.51 -16.92 -15.13
C LEU A 111 11.00 -16.88 -15.37
N ASP A 112 10.41 -18.07 -15.53
CA ASP A 112 8.96 -18.25 -15.55
C ASP A 112 8.52 -18.97 -14.27
N ARG A 113 7.20 -19.05 -14.08
CA ARG A 113 6.67 -19.44 -12.77
C ARG A 113 6.92 -20.91 -12.45
N ASN A 114 7.20 -21.75 -13.45
CA ASN A 114 7.52 -23.14 -13.16
C ASN A 114 8.91 -23.27 -12.54
N GLN A 115 9.82 -22.35 -12.87
CA GLN A 115 11.12 -22.34 -12.22
C GLN A 115 11.04 -21.88 -10.77
N GLY A 116 9.97 -21.17 -10.40
CA GLY A 116 9.76 -20.79 -9.02
C GLY A 116 9.12 -21.84 -8.14
N LYS A 117 8.71 -22.96 -8.74
CA LYS A 117 8.08 -24.04 -7.96
C LYS A 117 9.08 -24.78 -7.09
N SER A 118 10.39 -24.59 -7.30
CA SER A 118 11.40 -25.33 -6.54
C SER A 118 11.30 -25.02 -5.06
N VAL A 119 11.42 -23.75 -4.69
CA VAL A 119 11.37 -23.34 -3.30
C VAL A 119 9.92 -23.29 -2.84
N GLU A 120 9.68 -23.72 -1.60
CA GLU A 120 8.34 -23.64 -1.03
C GLU A 120 7.95 -22.20 -0.76
N GLY A 121 6.73 -21.84 -1.13
CA GLY A 121 6.22 -20.50 -0.95
C GLY A 121 6.73 -19.49 -1.96
N MET A 122 7.54 -19.92 -2.95
CA MET A 122 8.13 -18.98 -3.89
C MET A 122 7.17 -18.59 -5.01
N VAL A 123 6.35 -19.53 -5.48
CA VAL A 123 5.55 -19.24 -6.67
C VAL A 123 4.37 -18.32 -6.33
N GLU A 124 3.93 -18.28 -5.08
CA GLU A 124 2.90 -17.33 -4.68
C GLU A 124 3.39 -15.88 -4.83
N ILE A 125 4.60 -15.62 -4.36
CA ILE A 125 5.19 -14.26 -4.46
C ILE A 125 5.49 -13.98 -5.93
N PHE A 126 5.95 -14.99 -6.65
CA PHE A 126 6.25 -14.89 -8.09
C PHE A 126 5.00 -14.54 -8.89
N ASP A 127 3.85 -15.07 -8.51
CA ASP A 127 2.57 -14.77 -9.17
C ASP A 127 2.16 -13.35 -8.79
N MET A 128 2.42 -12.94 -7.56
CA MET A 128 2.04 -11.57 -7.25
C MET A 128 2.90 -10.56 -8.01
N LEU A 129 4.18 -10.90 -8.24
CA LEU A 129 5.03 -10.01 -9.03
C LEU A 129 4.61 -10.01 -10.49
N LEU A 130 4.11 -11.13 -11.01
CA LEU A 130 3.64 -11.18 -12.39
C LEU A 130 2.37 -10.37 -12.55
N ALA A 131 1.49 -10.38 -11.55
CA ALA A 131 0.26 -9.59 -11.64
C ALA A 131 0.56 -8.10 -11.62
N THR A 132 1.56 -7.68 -10.84
CA THR A 132 1.94 -6.28 -10.80
C THR A 132 2.56 -5.84 -12.13
N SER A 133 3.48 -6.65 -12.67
CA SER A 133 4.06 -6.34 -13.97
C SER A 133 2.99 -6.30 -15.05
N SER A 134 2.01 -7.20 -14.96
CA SER A 134 0.87 -7.14 -15.88
C SER A 134 0.04 -5.89 -15.65
N ARG A 135 -0.09 -5.47 -14.39
CA ARG A 135 -0.84 -4.25 -14.09
C ARG A 135 -0.14 -3.02 -14.66
N PHE A 136 1.19 -2.96 -14.55
CA PHE A 136 1.93 -1.87 -15.17
C PHE A 136 1.72 -1.86 -16.68
N ARG A 137 1.63 -3.04 -17.29
CA ARG A 137 1.41 -3.15 -18.72
C ARG A 137 0.06 -2.55 -19.11
N MET A 138 -1.00 -2.94 -18.40
CA MET A 138 -2.34 -2.43 -18.71
C MET A 138 -2.44 -0.93 -18.50
N MET A 139 -1.61 -0.37 -17.63
CA MET A 139 -1.60 1.06 -17.37
C MET A 139 -0.68 1.82 -18.31
N ASN A 140 0.18 1.13 -19.05
CA ASN A 140 1.23 1.74 -19.86
C ASN A 140 2.05 2.73 -19.04
N LEU A 141 2.61 2.21 -17.95
CA LEU A 141 3.42 3.02 -17.06
C LEU A 141 4.65 3.55 -17.78
N GLN A 142 4.96 4.82 -17.55
CA GLN A 142 6.12 5.46 -18.15
C GLN A 142 7.29 5.48 -17.17
N GLY A 143 8.49 5.63 -17.72
CA GLY A 143 9.69 5.62 -16.90
C GLY A 143 9.74 6.79 -15.92
N GLU A 144 9.25 7.95 -16.34
CA GLU A 144 9.20 9.10 -15.45
C GLU A 144 8.24 8.85 -14.29
N GLU A 145 7.17 8.09 -14.53
CA GLU A 145 6.26 7.73 -13.45
C GLU A 145 6.88 6.67 -12.55
N PHE A 146 7.65 5.75 -13.13
CA PHE A 146 8.27 4.69 -12.34
C PHE A 146 9.23 5.25 -11.30
N VAL A 147 10.12 6.16 -11.72
CA VAL A 147 11.09 6.72 -10.79
C VAL A 147 10.40 7.56 -9.73
N CYS A 148 9.21 8.09 -10.03
CA CYS A 148 8.45 8.82 -9.02
C CYS A 148 7.87 7.88 -7.97
N LEU A 149 7.26 6.79 -8.43
CA LEU A 149 6.72 5.79 -7.52
C LEU A 149 7.81 5.18 -6.65
N LYS A 150 8.92 4.80 -7.28
CA LYS A 150 10.08 4.28 -6.55
C LYS A 150 10.50 5.22 -5.42
N SER A 151 10.61 6.51 -5.72
N SER A 151 10.61 6.52 -5.71
CA SER A 151 11.01 7.47 -4.71
CA SER A 151 11.03 7.46 -4.69
C SER A 151 9.96 7.60 -3.61
C SER A 151 9.95 7.66 -3.62
N ILE A 152 8.68 7.44 -3.97
CA ILE A 152 7.63 7.50 -2.96
C ILE A 152 7.74 6.32 -2.00
N ILE A 153 8.08 5.14 -2.53
CA ILE A 153 8.28 3.96 -1.68
C ILE A 153 9.36 4.23 -0.65
N LEU A 154 10.47 4.84 -1.07
CA LEU A 154 11.59 5.07 -0.17
C LEU A 154 11.20 6.02 0.97
N LEU A 155 10.37 7.01 0.67
CA LEU A 155 10.07 8.05 1.64
C LEU A 155 8.83 7.74 2.49
N ASN A 156 7.90 6.93 1.98
CA ASN A 156 6.64 6.68 2.65
C ASN A 156 6.60 5.38 3.45
N SER A 157 7.41 4.39 3.07
CA SER A 157 7.28 3.07 3.66
C SER A 157 7.69 3.04 5.13
N GLY A 158 8.59 3.92 5.55
CA GLY A 158 9.05 3.90 6.92
C GLY A 158 8.69 5.13 7.73
N VAL A 159 7.95 6.06 7.12
CA VAL A 159 7.66 7.33 7.77
C VAL A 159 6.60 7.17 8.87
N TYR A 160 5.82 6.10 8.84
CA TYR A 160 4.82 5.86 9.88
C TYR A 160 5.41 4.99 10.99
N LEU A 167 11.20 16.02 18.90
CA LEU A 167 11.23 17.28 18.16
C LEU A 167 11.88 17.11 16.80
N LYS A 168 13.04 16.45 16.78
CA LYS A 168 13.71 16.17 15.52
C LYS A 168 12.84 15.34 14.61
N SER A 169 12.14 14.34 15.17
CA SER A 169 11.28 13.48 14.35
C SER A 169 10.09 14.25 13.80
N LEU A 170 9.57 15.23 14.54
CA LEU A 170 8.55 16.11 13.97
C LEU A 170 9.10 16.85 12.76
N GLU A 171 10.34 17.35 12.86
CA GLU A 171 10.96 18.03 11.74
C GLU A 171 11.29 17.06 10.63
N GLU A 172 11.72 15.84 10.97
CA GLU A 172 12.04 14.85 9.96
C GLU A 172 10.80 14.44 9.17
N LYS A 173 9.71 14.15 9.89
CA LYS A 173 8.49 13.68 9.23
C LYS A 173 7.84 14.79 8.41
N ASP A 174 7.87 16.03 8.90
CA ASP A 174 7.31 17.13 8.13
C ASP A 174 8.10 17.39 6.86
N HIS A 175 9.40 17.13 6.87
CA HIS A 175 10.21 17.29 5.67
C HIS A 175 9.91 16.19 4.67
N ILE A 176 9.73 14.96 5.14
CA ILE A 176 9.42 13.84 4.24
C ILE A 176 8.09 14.07 3.55
N HIS A 177 7.10 14.55 4.30
CA HIS A 177 5.78 14.79 3.70
C HIS A 177 5.82 15.97 2.74
N ARG A 178 6.67 16.95 2.97
CA ARG A 178 6.83 18.04 2.02
C ARG A 178 7.47 17.56 0.73
N VAL A 179 8.44 16.65 0.83
CA VAL A 179 9.06 16.08 -0.37
C VAL A 179 8.07 15.20 -1.10
N LEU A 180 7.32 14.37 -0.37
CA LEU A 180 6.27 13.56 -1.00
C LEU A 180 5.23 14.44 -1.67
N ASP A 181 4.94 15.62 -1.11
CA ASP A 181 4.04 16.56 -1.75
C ASP A 181 4.60 17.02 -3.09
N LYS A 182 5.90 17.30 -3.14
CA LYS A 182 6.53 17.73 -4.39
C LYS A 182 6.50 16.63 -5.44
N ILE A 183 6.61 15.37 -5.02
CA ILE A 183 6.59 14.28 -5.98
C ILE A 183 5.17 14.08 -6.52
N THR A 184 4.16 14.26 -5.68
CA THR A 184 2.78 14.23 -6.17
C THR A 184 2.57 15.28 -7.25
N ASP A 185 3.01 16.51 -7.01
CA ASP A 185 2.91 17.56 -8.02
C ASP A 185 3.69 17.19 -9.27
N THR A 186 4.82 16.49 -9.10
CA THR A 186 5.59 16.04 -10.24
C THR A 186 4.82 15.00 -11.05
N LEU A 187 4.16 14.06 -10.36
CA LEU A 187 3.33 13.08 -11.06
C LEU A 187 2.22 13.75 -11.85
N ILE A 188 1.49 14.67 -11.21
CA ILE A 188 0.42 15.39 -11.89
C ILE A 188 0.94 16.14 -13.09
N HIS A 189 2.13 16.73 -12.97
CA HIS A 189 2.69 17.53 -14.06
C HIS A 189 3.00 16.66 -15.27
N LEU A 190 3.58 15.47 -15.05
CA LEU A 190 3.84 14.56 -16.16
C LEU A 190 2.53 14.11 -16.81
N MET A 191 1.48 13.93 -16.01
CA MET A 191 0.18 13.56 -16.56
C MET A 191 -0.45 14.71 -17.32
N ALA A 192 -0.22 15.95 -16.87
CA ALA A 192 -0.74 17.11 -17.60
C ALA A 192 0.02 17.32 -18.91
N LYS A 193 1.34 17.12 -18.89
CA LYS A 193 2.13 17.22 -20.11
C LYS A 193 1.77 16.14 -21.12
N ALA A 194 1.21 15.02 -20.66
CA ALA A 194 0.79 13.94 -21.55
C ALA A 194 -0.60 14.17 -22.13
N GLY A 195 -1.23 15.30 -21.83
CA GLY A 195 -2.52 15.63 -22.39
C GLY A 195 -3.72 15.06 -21.68
N LEU A 196 -3.53 14.39 -20.55
CA LEU A 196 -4.66 13.84 -19.80
C LEU A 196 -5.51 14.95 -19.21
N THR A 197 -6.82 14.68 -19.12
CA THR A 197 -7.71 15.64 -18.50
C THR A 197 -7.48 15.69 -16.99
N LEU A 198 -8.06 16.70 -16.36
CA LEU A 198 -7.90 16.88 -14.92
C LEU A 198 -8.52 15.71 -14.15
N GLN A 199 -9.64 15.18 -14.64
CA GLN A 199 -10.24 14.01 -14.03
C GLN A 199 -9.37 12.77 -14.26
N GLN A 200 -8.80 12.64 -15.46
CA GLN A 200 -7.92 11.51 -15.73
C GLN A 200 -6.62 11.60 -14.93
N GLN A 201 -6.21 12.82 -14.56
CA GLN A 201 -4.99 12.99 -13.77
C GLN A 201 -5.20 12.49 -12.35
N HIS A 202 -6.33 12.86 -11.73
CA HIS A 202 -6.64 12.33 -10.40
C HIS A 202 -6.80 10.82 -10.43
N GLN A 203 -7.45 10.30 -11.48
CA GLN A 203 -7.74 8.88 -11.54
C GLN A 203 -6.47 8.05 -11.71
N ARG A 204 -5.56 8.50 -12.57
CA ARG A 204 -4.31 7.75 -12.77
C ARG A 204 -3.41 7.84 -11.55
N LEU A 205 -3.32 9.03 -10.94
CA LEU A 205 -2.55 9.17 -9.71
C LEU A 205 -3.05 8.22 -8.63
N ALA A 206 -4.38 8.13 -8.48
CA ALA A 206 -4.95 7.18 -7.53
C ALA A 206 -4.63 5.74 -7.93
N GLN A 207 -4.72 5.43 -9.22
CA GLN A 207 -4.40 4.10 -9.69
C GLN A 207 -2.95 3.73 -9.40
N LEU A 208 -2.05 4.73 -9.49
CA LEU A 208 -0.63 4.46 -9.29
C LEU A 208 -0.31 4.25 -7.81
N LEU A 209 -0.82 5.13 -6.95
CA LEU A 209 -0.54 5.03 -5.53
C LEU A 209 -1.23 3.83 -4.89
N LEU A 210 -2.27 3.30 -5.53
CA LEU A 210 -2.94 2.11 -5.00
C LEU A 210 -2.14 0.85 -5.25
N ILE A 211 -1.32 0.84 -6.30
CA ILE A 211 -0.43 -0.29 -6.56
C ILE A 211 0.62 -0.41 -5.45
N LEU A 212 0.95 0.69 -4.77
CA LEU A 212 1.95 0.64 -3.71
C LEU A 212 1.47 -0.19 -2.53
N SER A 213 0.17 -0.21 -2.26
CA SER A 213 -0.36 -1.09 -1.22
C SER A 213 -0.07 -2.55 -1.55
N HIS A 214 -0.20 -2.92 -2.83
CA HIS A 214 0.10 -4.29 -3.23
C HIS A 214 1.60 -4.58 -3.17
N ILE A 215 2.43 -3.59 -3.51
CA ILE A 215 3.87 -3.78 -3.42
C ILE A 215 4.30 -3.94 -1.97
N ARG A 216 3.70 -3.16 -1.06
N ARG A 216 3.72 -3.14 -1.07
CA ARG A 216 3.97 -3.37 0.36
CA ARG A 216 3.92 -3.34 0.37
C ARG A 216 3.50 -4.76 0.79
C ARG A 216 3.51 -4.75 0.77
N HIS A 217 2.41 -5.24 0.20
CA HIS A 217 1.93 -6.59 0.52
C HIS A 217 2.92 -7.65 0.07
N MET A 218 3.45 -7.52 -1.15
CA MET A 218 4.44 -8.48 -1.63
C MET A 218 5.71 -8.43 -0.78
N SER A 219 6.14 -7.23 -0.40
CA SER A 219 7.36 -7.11 0.41
C SER A 219 7.22 -7.83 1.74
N ASN A 220 6.04 -7.76 2.35
CA ASN A 220 5.83 -8.44 3.63
C ASN A 220 5.79 -9.95 3.44
N LYS A 221 5.11 -10.43 2.39
CA LYS A 221 5.11 -11.85 2.10
C LYS A 221 6.52 -12.33 1.73
N GLY A 222 7.26 -11.51 1.01
CA GLY A 222 8.64 -11.84 0.69
C GLY A 222 9.54 -11.81 1.91
N MET A 223 9.26 -10.90 2.85
CA MET A 223 10.03 -10.87 4.09
C MET A 223 9.80 -12.13 4.91
N GLU A 224 8.54 -12.58 5.01
CA GLU A 224 8.25 -13.84 5.68
C GLU A 224 8.97 -14.99 5.00
N HIS A 225 9.00 -14.98 3.67
CA HIS A 225 9.62 -16.07 2.92
C HIS A 225 11.14 -16.07 3.07
N LEU A 226 11.74 -14.91 3.31
CA LEU A 226 13.18 -14.86 3.52
C LEU A 226 13.58 -15.36 4.90
N TYR A 227 12.70 -15.19 5.90
CA TYR A 227 12.97 -15.68 7.25
C TYR A 227 12.76 -17.18 7.40
N SER A 228 12.10 -17.82 6.44
CA SER A 228 11.86 -19.26 6.48
C SER A 228 12.99 -20.06 5.84
N MET A 229 14.20 -19.53 5.86
CA MET A 229 15.34 -20.21 5.25
C MET A 229 16.54 -20.22 6.18
N VAL A 234 19.49 -12.32 6.74
CA VAL A 234 18.67 -12.31 5.49
C VAL A 234 18.30 -10.86 5.17
N VAL A 235 18.05 -10.08 6.21
CA VAL A 235 17.75 -8.63 6.02
C VAL A 235 19.05 -7.86 6.24
N PRO A 236 19.37 -6.78 5.52
CA PRO A 236 20.54 -6.01 5.87
C PRO A 236 20.30 -5.43 7.26
N SER A 237 21.29 -5.55 8.15
CA SER A 237 21.20 -5.05 9.52
C SER A 237 21.28 -3.54 9.55
N TYR A 238 20.80 -2.96 10.66
CA TYR A 238 20.97 -1.54 10.89
C TYR A 238 22.45 -1.15 10.80
N ASP A 239 23.31 -1.91 11.47
CA ASP A 239 24.73 -1.61 11.44
C ASP A 239 25.30 -1.75 10.03
N LEU A 240 24.72 -2.62 9.21
CA LEU A 240 25.23 -2.79 7.84
C LEU A 240 24.76 -1.65 6.94
N LEU A 241 23.49 -1.25 7.05
CA LEU A 241 22.98 -0.17 6.23
C LEU A 241 23.65 1.16 6.59
N LEU A 242 23.92 1.37 7.88
CA LEU A 242 24.55 2.62 8.31
C LEU A 242 25.95 2.75 7.71
N GLU A 243 26.71 1.66 7.69
CA GLU A 243 28.03 1.70 7.05
C GLU A 243 27.93 2.11 5.59
N MET A 244 26.94 1.58 4.87
CA MET A 244 26.84 1.93 3.45
C MET A 244 26.37 3.36 3.26
N LEU A 245 25.49 3.85 4.15
CA LEU A 245 25.02 5.22 4.04
C LEU A 245 26.06 6.23 4.54
N ASP A 246 26.62 5.96 5.73
CA ASP A 246 27.65 6.82 6.31
C ASP A 246 28.93 6.73 5.50
N ALA A 247 29.15 7.70 4.63
CA ALA A 247 30.37 7.78 3.85
C ALA A 247 31.36 8.74 4.50
N HIS A 248 32.60 8.70 4.02
CA HIS A 248 33.63 9.61 4.49
C HIS A 248 34.08 10.54 3.36
N LEU B 7 -24.23 0.24 -14.03
CA LEU B 7 -25.53 0.40 -13.40
C LEU B 7 -25.40 1.22 -12.12
N ALA B 8 -24.47 0.84 -11.25
CA ALA B 8 -24.16 1.61 -10.06
C ALA B 8 -23.12 2.70 -10.33
N LEU B 9 -22.49 2.69 -11.50
CA LEU B 9 -21.50 3.69 -11.87
C LEU B 9 -22.13 4.99 -12.36
N SER B 10 -23.44 5.18 -12.15
CA SER B 10 -24.15 6.37 -12.59
C SER B 10 -24.44 7.33 -11.44
N LEU B 11 -24.06 6.99 -10.21
CA LEU B 11 -24.32 7.87 -9.08
C LEU B 11 -23.40 9.08 -9.12
N THR B 12 -23.93 10.23 -8.70
CA THR B 12 -23.11 11.42 -8.61
C THR B 12 -22.13 11.30 -7.45
N ALA B 13 -21.19 12.24 -7.39
CA ALA B 13 -20.25 12.27 -6.26
C ALA B 13 -21.00 12.48 -4.95
N ASP B 14 -22.02 13.34 -4.95
CA ASP B 14 -22.82 13.54 -3.75
C ASP B 14 -23.63 12.29 -3.42
N GLN B 15 -24.20 11.64 -4.45
CA GLN B 15 -24.95 10.41 -4.20
C GLN B 15 -24.04 9.29 -3.72
N MET B 16 -22.80 9.26 -4.21
CA MET B 16 -21.84 8.26 -3.74
C MET B 16 -21.50 8.46 -2.27
N VAL B 17 -21.32 9.72 -1.85
CA VAL B 17 -21.04 10.00 -0.45
C VAL B 17 -22.19 9.55 0.42
N SER B 18 -23.43 9.86 0.01
CA SER B 18 -24.59 9.55 0.83
C SER B 18 -24.80 8.04 0.96
N ALA B 19 -24.55 7.29 -0.10
CA ALA B 19 -24.70 5.84 -0.03
C ALA B 19 -23.71 5.23 0.96
N LEU B 20 -22.49 5.76 1.00
CA LEU B 20 -21.50 5.24 1.93
C LEU B 20 -21.78 5.69 3.35
N LEU B 21 -22.24 6.94 3.52
CA LEU B 21 -22.56 7.43 4.85
C LEU B 21 -23.72 6.65 5.46
N ASP B 22 -24.72 6.33 4.65
CA ASP B 22 -25.86 5.54 5.11
C ASP B 22 -25.52 4.07 5.29
N ALA B 23 -24.37 3.61 4.80
CA ALA B 23 -23.99 2.22 4.90
C ALA B 23 -23.12 1.91 6.11
N GLU B 24 -22.74 2.92 6.88
CA GLU B 24 -21.79 2.71 7.97
C GLU B 24 -22.33 1.72 8.99
N PRO B 25 -21.55 0.74 9.39
CA PRO B 25 -22.01 -0.23 10.39
C PRO B 25 -22.10 0.42 11.75
N PRO B 26 -22.80 -0.20 12.69
CA PRO B 26 -22.85 0.34 14.05
C PRO B 26 -21.53 0.10 14.79
N ILE B 27 -21.39 0.81 15.90
CA ILE B 27 -20.28 0.60 16.81
C ILE B 27 -20.71 -0.44 17.84
N LEU B 28 -19.99 -1.55 17.89
CA LEU B 28 -20.34 -2.63 18.80
C LEU B 28 -19.65 -2.45 20.15
N TYR B 29 -20.12 -3.21 21.14
CA TYR B 29 -19.58 -3.16 22.48
C TYR B 29 -18.84 -4.46 22.80
N SER B 30 -17.95 -4.38 23.78
CA SER B 30 -17.24 -5.55 24.25
C SER B 30 -18.11 -6.32 25.23
N GLU B 31 -17.96 -7.64 25.22
CA GLU B 31 -18.75 -8.52 26.08
C GLU B 31 -18.43 -8.27 27.55
N SER B 42 -7.43 -12.09 29.66
CA SER B 42 -8.74 -12.27 29.05
C SER B 42 -9.08 -11.10 28.14
N MET B 43 -8.19 -10.11 28.13
CA MET B 43 -8.31 -8.98 27.21
C MET B 43 -8.38 -9.43 25.75
N MET B 44 -7.92 -10.63 25.43
CA MET B 44 -7.81 -11.04 24.03
C MET B 44 -8.97 -11.90 23.57
N GLY B 45 -9.63 -12.57 24.51
CA GLY B 45 -10.91 -13.17 24.21
C GLY B 45 -11.92 -12.12 23.81
N LEU B 46 -11.83 -10.93 24.42
CA LEU B 46 -12.77 -9.86 24.12
C LEU B 46 -12.47 -9.23 22.77
N LEU B 47 -11.19 -9.13 22.40
CA LEU B 47 -10.85 -8.59 21.08
C LEU B 47 -11.26 -9.55 19.98
N THR B 48 -11.02 -10.85 20.17
CA THR B 48 -11.47 -11.83 19.19
C THR B 48 -12.99 -11.86 19.08
N ASN B 49 -13.68 -11.93 20.22
CA ASN B 49 -15.14 -11.94 20.22
C ASN B 49 -15.70 -10.66 19.60
N LEU B 50 -15.05 -9.53 19.85
CA LEU B 50 -15.49 -8.28 19.23
C LEU B 50 -15.30 -8.31 17.72
N ALA B 51 -14.15 -8.81 17.27
CA ALA B 51 -13.88 -8.84 15.84
C ALA B 51 -14.81 -9.79 15.10
N ASP B 52 -15.16 -10.91 15.73
CA ASP B 52 -16.09 -11.85 15.09
C ASP B 52 -17.46 -11.24 14.92
N ARG B 53 -17.91 -10.44 15.90
CA ARG B 53 -19.22 -9.82 15.78
C ARG B 53 -19.22 -8.64 14.81
N GLU B 54 -18.11 -7.91 14.74
CA GLU B 54 -17.99 -6.83 13.76
C GLU B 54 -17.98 -7.35 12.33
N LEU B 55 -17.57 -8.60 12.12
CA LEU B 55 -17.43 -9.13 10.77
C LEU B 55 -18.77 -9.23 10.07
N VAL B 56 -19.82 -9.61 10.80
CA VAL B 56 -21.15 -9.74 10.20
C VAL B 56 -21.63 -8.40 9.69
N HIS B 57 -21.48 -7.34 10.50
CA HIS B 57 -21.92 -6.02 10.08
C HIS B 57 -21.05 -5.48 8.94
N MET B 58 -19.80 -5.95 8.85
CA MET B 58 -18.95 -5.54 7.73
C MET B 58 -19.46 -6.10 6.41
N ILE B 59 -19.94 -7.34 6.43
CA ILE B 59 -20.51 -7.95 5.23
C ILE B 59 -21.71 -7.15 4.75
N ASN B 60 -22.58 -6.77 5.68
CA ASN B 60 -23.76 -5.99 5.32
C ASN B 60 -23.38 -4.58 4.87
N TRP B 61 -22.27 -4.05 5.39
CA TRP B 61 -21.78 -2.76 4.88
C TRP B 61 -21.23 -2.91 3.47
N ALA B 62 -20.46 -3.97 3.23
CA ALA B 62 -19.89 -4.18 1.90
C ALA B 62 -20.96 -4.32 0.84
N LYS B 63 -22.08 -4.97 1.18
CA LYS B 63 -23.18 -5.14 0.23
C LYS B 63 -23.80 -3.80 -0.17
N ARG B 64 -23.65 -2.77 0.67
CA ARG B 64 -24.20 -1.46 0.38
C ARG B 64 -23.18 -0.53 -0.26
N VAL B 65 -21.97 -0.99 -0.52
CA VAL B 65 -20.97 -0.21 -1.24
C VAL B 65 -21.34 -0.25 -2.71
N PRO B 66 -21.60 0.91 -3.34
CA PRO B 66 -22.05 0.91 -4.75
C PRO B 66 -21.15 0.14 -5.68
N GLY B 67 -21.72 -0.83 -6.39
CA GLY B 67 -20.97 -1.66 -7.32
C GLY B 67 -20.47 -2.97 -6.76
N PHE B 68 -20.52 -3.16 -5.45
CA PHE B 68 -19.96 -4.38 -4.85
C PHE B 68 -20.80 -5.60 -5.21
N VAL B 69 -22.11 -5.53 -5.00
CA VAL B 69 -22.98 -6.68 -5.29
C VAL B 69 -23.13 -6.92 -6.78
N ASP B 70 -22.62 -6.02 -7.63
CA ASP B 70 -22.58 -6.29 -9.06
C ASP B 70 -21.54 -7.35 -9.41
N LEU B 71 -20.62 -7.63 -8.50
CA LEU B 71 -19.64 -8.68 -8.71
C LEU B 71 -20.24 -10.04 -8.37
N THR B 72 -19.64 -11.09 -8.90
CA THR B 72 -20.06 -12.44 -8.57
C THR B 72 -19.82 -12.72 -7.09
N LEU B 73 -20.51 -13.75 -6.58
CA LEU B 73 -20.32 -14.13 -5.18
C LEU B 73 -18.89 -14.61 -4.93
N HIS B 74 -18.31 -15.32 -5.89
CA HIS B 74 -16.92 -15.77 -5.74
C HIS B 74 -15.99 -14.59 -5.55
N ASP B 75 -16.13 -13.54 -6.37
CA ASP B 75 -15.23 -12.41 -6.29
C ASP B 75 -15.58 -11.49 -5.12
N GLN B 76 -16.84 -11.46 -4.68
CA GLN B 76 -17.17 -10.73 -3.47
C GLN B 76 -16.47 -11.32 -2.27
N VAL B 77 -16.43 -12.66 -2.17
CA VAL B 77 -15.79 -13.30 -1.04
C VAL B 77 -14.29 -13.06 -1.05
N HIS B 78 -13.67 -13.16 -2.23
CA HIS B 78 -12.22 -12.94 -2.32
C HIS B 78 -11.84 -11.54 -1.86
N LEU B 79 -12.62 -10.53 -2.26
CA LEU B 79 -12.36 -9.17 -1.81
C LEU B 79 -12.46 -9.07 -0.29
N LEU B 80 -13.43 -9.76 0.30
CA LEU B 80 -13.61 -9.69 1.74
C LEU B 80 -12.52 -10.46 2.48
N GLU B 81 -12.03 -11.57 1.91
CA GLU B 81 -10.92 -12.27 2.51
C GLU B 81 -9.69 -11.38 2.61
N SER B 82 -9.44 -10.57 1.57
CA SER B 82 -8.24 -9.75 1.53
C SER B 82 -8.34 -8.51 2.41
N ALA B 83 -9.54 -7.97 2.58
CA ALA B 83 -9.70 -6.63 3.15
C ALA B 83 -10.27 -6.60 4.56
N TRP B 84 -10.74 -7.73 5.09
CA TRP B 84 -11.51 -7.69 6.34
C TRP B 84 -10.66 -7.18 7.51
N LEU B 85 -9.40 -7.58 7.60
CA LEU B 85 -8.58 -7.10 8.71
C LEU B 85 -8.21 -5.63 8.52
N GLU B 86 -8.01 -5.19 7.27
CA GLU B 86 -7.73 -3.78 7.03
C GLU B 86 -8.92 -2.91 7.40
N ILE B 87 -10.13 -3.36 7.07
CA ILE B 87 -11.32 -2.56 7.36
C ILE B 87 -11.57 -2.46 8.85
N LEU B 88 -11.36 -3.56 9.58
CA LEU B 88 -11.45 -3.50 11.04
C LEU B 88 -10.41 -2.57 11.63
N MET B 89 -9.22 -2.50 11.01
CA MET B 89 -8.14 -1.68 11.54
C MET B 89 -8.41 -0.20 11.29
N ILE B 90 -8.80 0.15 10.06
CA ILE B 90 -9.07 1.55 9.75
C ILE B 90 -10.29 2.04 10.52
N GLY B 91 -11.24 1.16 10.79
CA GLY B 91 -12.36 1.52 11.64
C GLY B 91 -11.94 1.78 13.07
N LEU B 92 -11.04 0.93 13.60
CA LEU B 92 -10.49 1.16 14.92
C LEU B 92 -9.65 2.43 14.95
N VAL B 93 -8.85 2.66 13.91
CA VAL B 93 -8.05 3.88 13.83
C VAL B 93 -8.95 5.11 13.77
N TRP B 94 -10.09 4.99 13.08
CA TRP B 94 -11.03 6.10 13.00
C TRP B 94 -11.67 6.39 14.35
N ARG B 95 -12.06 5.34 15.08
CA ARG B 95 -12.69 5.55 16.38
C ARG B 95 -11.73 6.13 17.40
N SER B 96 -10.44 5.78 17.33
CA SER B 96 -9.43 6.18 18.31
C SER B 96 -8.85 7.56 18.02
N MET B 97 -9.24 8.14 16.88
CA MET B 97 -8.72 9.42 16.40
C MET B 97 -8.81 10.49 17.46
N GLU B 98 -9.94 10.59 18.15
CA GLU B 98 -10.14 11.61 19.15
C GLU B 98 -9.64 11.21 20.53
N HIS B 99 -8.74 10.23 20.60
CA HIS B 99 -8.26 9.69 21.87
C HIS B 99 -6.76 9.46 21.77
N PRO B 100 -5.94 10.50 21.90
CA PRO B 100 -4.49 10.33 21.75
C PRO B 100 -3.93 9.33 22.75
N GLY B 101 -2.99 8.52 22.28
CA GLY B 101 -2.31 7.54 23.11
C GLY B 101 -3.12 6.31 23.45
N LYS B 102 -4.33 6.17 22.92
CA LYS B 102 -5.19 5.04 23.26
C LYS B 102 -5.99 4.61 22.04
N LEU B 103 -6.33 3.33 22.02
CA LEU B 103 -7.20 2.77 20.98
C LEU B 103 -8.58 2.47 21.56
N LEU B 104 -9.61 2.96 20.88
CA LEU B 104 -11.00 2.75 21.31
C LEU B 104 -11.55 1.57 20.49
N PHE B 105 -11.29 0.36 20.98
CA PHE B 105 -11.85 -0.83 20.34
C PHE B 105 -13.37 -0.83 20.44
N ALA B 106 -13.89 -0.40 21.59
CA ALA B 106 -15.33 -0.28 21.84
C ALA B 106 -15.51 0.79 22.89
N PRO B 107 -16.69 1.41 22.97
CA PRO B 107 -16.91 2.44 23.99
C PRO B 107 -16.62 1.98 25.41
N ASN B 108 -16.71 0.68 25.67
CA ASN B 108 -16.38 0.11 26.98
C ASN B 108 -15.05 -0.64 26.96
N LEU B 109 -14.21 -0.41 25.94
CA LEU B 109 -12.90 -1.06 25.82
C LEU B 109 -11.92 -0.05 25.22
N LEU B 110 -11.41 0.84 26.07
CA LEU B 110 -10.45 1.87 25.67
C LEU B 110 -9.11 1.52 26.29
N LEU B 111 -8.22 0.97 25.45
CA LEU B 111 -6.89 0.47 25.85
C LEU B 111 -5.76 1.45 25.54
N ASP B 112 -4.73 1.37 26.36
CA ASP B 112 -3.51 2.21 26.21
C ASP B 112 -2.37 1.33 25.71
N ARG B 113 -1.25 1.96 25.39
CA ARG B 113 -0.03 1.28 24.89
C ARG B 113 0.51 0.30 25.93
N ASN B 114 0.39 0.61 27.23
CA ASN B 114 0.95 -0.26 28.30
C ASN B 114 0.08 -1.51 28.50
N GLN B 115 -1.16 -1.51 28.03
CA GLN B 115 -1.97 -2.73 28.15
C GLN B 115 -1.56 -3.71 27.04
N GLY B 116 -0.64 -3.32 26.15
CA GLY B 116 -0.22 -4.23 25.11
C GLY B 116 1.08 -4.93 25.44
N GLU B 120 3.38 -10.84 23.55
CA GLU B 120 4.52 -10.64 22.67
C GLU B 120 4.06 -10.27 21.27
N GLY B 121 4.67 -9.24 20.70
CA GLY B 121 4.32 -8.80 19.36
C GLY B 121 3.10 -7.92 19.27
N MET B 122 2.48 -7.57 20.40
CA MET B 122 1.25 -6.79 20.38
C MET B 122 1.52 -5.29 20.41
N VAL B 123 2.55 -4.86 21.15
CA VAL B 123 2.83 -3.43 21.26
C VAL B 123 3.38 -2.89 19.94
N GLU B 124 4.06 -3.72 19.15
CA GLU B 124 4.47 -3.32 17.80
C GLU B 124 3.26 -2.83 17.01
N ILE B 125 2.26 -3.70 16.87
CA ILE B 125 1.05 -3.40 16.06
C ILE B 125 0.24 -2.28 16.71
N PHE B 126 0.16 -2.28 18.03
CA PHE B 126 -0.54 -1.25 18.82
C PHE B 126 0.05 0.14 18.52
N ASP B 127 1.36 0.24 18.41
CA ASP B 127 2.06 1.53 18.15
C ASP B 127 1.78 1.97 16.72
N MET B 128 1.76 1.02 15.80
CA MET B 128 1.47 1.34 14.38
C MET B 128 0.05 1.88 14.27
N LEU B 129 -0.89 1.30 14.99
CA LEU B 129 -2.30 1.78 14.97
C LEU B 129 -2.37 3.16 15.61
N LEU B 130 -1.66 3.36 16.73
CA LEU B 130 -1.64 4.66 17.39
C LEU B 130 -1.07 5.73 16.48
N ALA B 131 -0.06 5.37 15.67
CA ALA B 131 0.55 6.34 14.77
C ALA B 131 -0.36 6.65 13.59
N THR B 132 -1.07 5.64 13.09
CA THR B 132 -2.05 5.89 12.01
C THR B 132 -3.17 6.78 12.50
N SER B 133 -3.65 6.54 13.73
CA SER B 133 -4.68 7.39 14.31
C SER B 133 -4.20 8.83 14.45
N SER B 134 -2.97 9.00 14.94
CA SER B 134 -2.41 10.35 15.09
C SER B 134 -2.22 11.01 13.73
N ARG B 135 -1.85 10.23 12.71
CA ARG B 135 -1.72 10.78 11.37
C ARG B 135 -3.07 11.27 10.85
N PHE B 136 -4.14 10.53 11.13
CA PHE B 136 -5.47 10.99 10.75
C PHE B 136 -5.84 12.27 11.48
N ARG B 137 -5.39 12.40 12.73
CA ARG B 137 -5.79 13.55 13.54
C ARG B 137 -5.19 14.84 13.01
N MET B 138 -3.88 14.86 12.75
CA MET B 138 -3.24 16.07 12.24
C MET B 138 -3.55 16.33 10.77
N MET B 139 -4.18 15.38 10.08
CA MET B 139 -4.72 15.61 8.74
C MET B 139 -6.16 16.08 8.76
N ASN B 140 -6.80 16.08 9.93
CA ASN B 140 -8.22 16.41 10.08
C ASN B 140 -9.07 15.61 9.11
N LEU B 141 -8.82 14.30 9.07
CA LEU B 141 -9.59 13.41 8.22
C LEU B 141 -11.08 13.51 8.53
N GLN B 142 -11.89 13.66 7.48
CA GLN B 142 -13.32 13.87 7.61
C GLN B 142 -14.08 12.56 7.40
N GLY B 143 -15.34 12.56 7.84
CA GLY B 143 -16.09 11.32 7.89
C GLY B 143 -16.48 10.79 6.52
N GLU B 144 -17.01 11.66 5.67
CA GLU B 144 -17.12 11.41 4.23
C GLU B 144 -15.81 11.22 3.49
N GLU B 145 -14.66 11.57 4.06
CA GLU B 145 -13.44 11.08 3.45
C GLU B 145 -13.11 9.67 3.92
N PHE B 146 -13.36 9.41 5.20
CA PHE B 146 -13.05 8.11 5.79
C PHE B 146 -13.86 6.99 5.14
N VAL B 147 -15.17 7.23 4.94
CA VAL B 147 -16.01 6.21 4.32
C VAL B 147 -15.56 5.94 2.89
N CYS B 148 -14.93 6.92 2.24
CA CYS B 148 -14.37 6.69 0.93
C CYS B 148 -13.11 5.83 1.00
N LEU B 149 -12.25 6.08 1.99
CA LEU B 149 -11.04 5.29 2.14
C LEU B 149 -11.36 3.84 2.48
N LYS B 150 -12.42 3.61 3.24
CA LYS B 150 -12.79 2.24 3.60
C LYS B 150 -13.30 1.47 2.40
N SER B 151 -14.02 2.14 1.49
CA SER B 151 -14.51 1.47 0.29
C SER B 151 -13.39 1.19 -0.69
N ILE B 152 -12.32 2.00 -0.67
CA ILE B 152 -11.18 1.74 -1.54
C ILE B 152 -10.44 0.49 -1.07
N ILE B 153 -10.30 0.32 0.26
CA ILE B 153 -9.67 -0.87 0.79
C ILE B 153 -10.43 -2.13 0.36
N LEU B 154 -11.76 -2.08 0.44
CA LEU B 154 -12.56 -3.26 0.13
C LEU B 154 -12.41 -3.66 -1.33
N LEU B 155 -12.34 -2.68 -2.24
CA LEU B 155 -12.29 -2.96 -3.67
C LEU B 155 -10.87 -3.20 -4.16
N ASN B 156 -9.87 -2.62 -3.53
CA ASN B 156 -8.49 -2.66 -4.03
C ASN B 156 -7.66 -3.77 -3.42
N SER B 157 -7.95 -4.18 -2.18
CA SER B 157 -7.06 -5.11 -1.47
C SER B 157 -6.94 -6.45 -2.18
N GLY B 158 -7.96 -6.85 -2.94
CA GLY B 158 -7.93 -8.16 -3.55
C GLY B 158 -7.96 -8.18 -5.07
N VAL B 159 -7.87 -7.00 -5.70
CA VAL B 159 -8.06 -6.94 -7.15
C VAL B 159 -6.84 -7.47 -7.90
N TYR B 160 -5.68 -7.53 -7.25
CA TYR B 160 -4.45 -7.97 -7.91
C TYR B 160 -4.16 -9.46 -7.72
N THR B 161 -4.94 -10.16 -6.89
CA THR B 161 -4.68 -11.57 -6.60
C THR B 161 -5.86 -12.45 -6.97
N PHE B 162 -6.58 -12.09 -8.02
CA PHE B 162 -7.67 -12.93 -8.53
C PHE B 162 -7.11 -14.15 -9.26
N LYS B 168 -14.27 -12.40 -18.30
CA LYS B 168 -15.14 -12.41 -17.13
C LYS B 168 -14.32 -11.93 -15.94
N SER B 169 -13.25 -12.66 -15.62
CA SER B 169 -12.31 -12.18 -14.62
C SER B 169 -11.84 -10.77 -14.95
N LEU B 170 -11.52 -10.51 -16.22
CA LEU B 170 -11.08 -9.18 -16.62
C LEU B 170 -12.23 -8.19 -16.64
N GLU B 171 -13.44 -8.65 -16.95
CA GLU B 171 -14.62 -7.78 -16.82
C GLU B 171 -14.85 -7.39 -15.37
N GLU B 172 -14.65 -8.33 -14.44
CA GLU B 172 -14.80 -8.03 -13.02
C GLU B 172 -13.78 -6.99 -12.57
N LYS B 173 -12.51 -7.17 -12.96
CA LYS B 173 -11.48 -6.23 -12.55
C LYS B 173 -11.63 -4.89 -13.27
N ASP B 174 -12.20 -4.88 -14.48
N ASP B 174 -12.18 -4.89 -14.49
CA ASP B 174 -12.52 -3.60 -15.11
CA ASP B 174 -12.55 -3.65 -15.14
C ASP B 174 -13.62 -2.87 -14.34
C ASP B 174 -13.59 -2.90 -14.32
N HIS B 175 -14.62 -3.62 -13.87
CA HIS B 175 -15.68 -3.00 -13.06
C HIS B 175 -15.12 -2.47 -11.75
N ILE B 176 -14.27 -3.25 -11.08
CA ILE B 176 -13.67 -2.80 -9.82
C ILE B 176 -12.88 -1.51 -10.04
N HIS B 177 -12.12 -1.45 -11.14
CA HIS B 177 -11.35 -0.24 -11.42
C HIS B 177 -12.24 0.93 -11.80
N ARG B 178 -13.40 0.66 -12.42
CA ARG B 178 -14.33 1.73 -12.73
C ARG B 178 -14.94 2.31 -11.45
N VAL B 179 -15.34 1.45 -10.52
CA VAL B 179 -15.92 1.95 -9.27
C VAL B 179 -14.85 2.63 -8.42
N LEU B 180 -13.63 2.09 -8.44
CA LEU B 180 -12.51 2.70 -7.69
C LEU B 180 -12.30 4.13 -8.20
N ASP B 181 -12.41 4.31 -9.51
CA ASP B 181 -12.28 5.61 -10.20
C ASP B 181 -13.37 6.57 -9.74
N LYS B 182 -14.58 6.06 -9.50
CA LYS B 182 -15.70 6.92 -9.06
C LYS B 182 -15.42 7.41 -7.65
N ILE B 183 -14.85 6.57 -6.78
CA ILE B 183 -14.54 7.00 -5.43
C ILE B 183 -13.46 8.08 -5.46
N THR B 184 -12.53 7.97 -6.39
CA THR B 184 -11.45 8.97 -6.58
C THR B 184 -12.11 10.30 -6.92
N ASP B 185 -13.01 10.29 -7.90
CA ASP B 185 -13.78 11.49 -8.30
C ASP B 185 -14.58 12.01 -7.09
N THR B 186 -15.16 11.11 -6.30
CA THR B 186 -15.92 11.44 -5.08
C THR B 186 -14.97 12.12 -4.08
N LEU B 187 -13.80 11.53 -3.85
CA LEU B 187 -12.87 12.15 -2.90
C LEU B 187 -12.44 13.53 -3.36
N ILE B 188 -12.11 13.68 -4.64
CA ILE B 188 -11.69 14.96 -5.18
C ILE B 188 -12.83 15.98 -5.07
N HIS B 189 -14.06 15.55 -5.33
CA HIS B 189 -15.21 16.45 -5.25
C HIS B 189 -15.43 16.93 -3.82
N LEU B 190 -15.18 16.06 -2.84
CA LEU B 190 -15.30 16.48 -1.44
C LEU B 190 -14.23 17.51 -1.09
N MET B 191 -13.00 17.30 -1.56
CA MET B 191 -11.93 18.27 -1.30
C MET B 191 -12.19 19.59 -2.01
N ALA B 192 -12.69 19.53 -3.25
CA ALA B 192 -13.03 20.75 -3.96
C ALA B 192 -14.13 21.52 -3.25
N LYS B 193 -15.16 20.81 -2.77
CA LYS B 193 -16.23 21.45 -2.00
C LYS B 193 -15.68 22.18 -0.79
N ALA B 194 -14.68 21.59 -0.12
CA ALA B 194 -14.14 22.17 1.11
C ALA B 194 -13.31 23.42 0.87
N GLY B 195 -13.06 23.79 -0.39
CA GLY B 195 -12.29 24.97 -0.71
C GLY B 195 -10.83 24.75 -0.98
N LEU B 196 -10.38 23.51 -1.06
CA LEU B 196 -8.98 23.22 -1.36
C LEU B 196 -8.67 23.58 -2.80
N THR B 197 -7.45 24.07 -3.03
CA THR B 197 -6.99 24.32 -4.39
C THR B 197 -6.75 22.99 -5.10
N LEU B 198 -6.56 23.09 -6.42
CA LEU B 198 -6.28 21.89 -7.21
C LEU B 198 -5.00 21.21 -6.75
N GLN B 199 -3.99 22.00 -6.39
CA GLN B 199 -2.75 21.43 -5.89
C GLN B 199 -2.95 20.78 -4.53
N GLN B 200 -3.69 21.45 -3.63
CA GLN B 200 -4.01 20.84 -2.35
C GLN B 200 -4.87 19.59 -2.51
N GLN B 201 -5.67 19.53 -3.59
CA GLN B 201 -6.50 18.36 -3.84
C GLN B 201 -5.63 17.15 -4.20
N HIS B 202 -4.71 17.32 -5.15
CA HIS B 202 -3.82 16.23 -5.53
C HIS B 202 -2.97 15.79 -4.35
N GLN B 203 -2.54 16.74 -3.52
CA GLN B 203 -1.65 16.40 -2.40
C GLN B 203 -2.40 15.68 -1.29
N ARG B 204 -3.63 16.12 -0.99
CA ARG B 204 -4.41 15.42 0.03
C ARG B 204 -4.79 14.03 -0.44
N LEU B 205 -5.23 13.90 -1.70
CA LEU B 205 -5.54 12.60 -2.27
C LEU B 205 -4.37 11.65 -2.13
N ALA B 206 -3.17 12.10 -2.53
CA ALA B 206 -1.98 11.26 -2.43
C ALA B 206 -1.67 10.92 -0.98
N GLN B 207 -1.84 11.89 -0.08
CA GLN B 207 -1.55 11.65 1.32
C GLN B 207 -2.46 10.56 1.90
N LEU B 208 -3.75 10.59 1.56
CA LEU B 208 -4.68 9.62 2.12
C LEU B 208 -4.43 8.23 1.55
N LEU B 209 -4.18 8.12 0.25
CA LEU B 209 -3.93 6.82 -0.35
C LEU B 209 -2.60 6.23 0.07
N LEU B 210 -1.65 7.07 0.47
CA LEU B 210 -0.38 6.56 0.98
C LEU B 210 -0.51 5.98 2.38
N ILE B 211 -1.55 6.36 3.12
CA ILE B 211 -1.80 5.76 4.42
C ILE B 211 -2.38 4.35 4.26
N LEU B 212 -3.09 4.10 3.15
CA LEU B 212 -3.61 2.76 2.90
C LEU B 212 -2.48 1.75 2.76
N SER B 213 -1.34 2.17 2.20
CA SER B 213 -0.19 1.28 2.11
C SER B 213 0.33 0.88 3.49
N HIS B 214 0.18 1.76 4.48
CA HIS B 214 0.62 1.43 5.83
C HIS B 214 -0.41 0.55 6.56
N ILE B 215 -1.69 0.83 6.36
CA ILE B 215 -2.73 -0.02 6.93
C ILE B 215 -2.56 -1.45 6.43
N ARG B 216 -2.24 -1.60 5.15
CA ARG B 216 -1.94 -2.93 4.59
C ARG B 216 -0.76 -3.56 5.30
N HIS B 217 0.27 -2.77 5.62
CA HIS B 217 1.41 -3.29 6.37
C HIS B 217 0.98 -3.78 7.75
N MET B 218 0.12 -3.03 8.44
CA MET B 218 -0.33 -3.45 9.76
C MET B 218 -1.18 -4.72 9.68
N SER B 219 -2.07 -4.78 8.69
CA SER B 219 -2.88 -5.97 8.50
C SER B 219 -2.02 -7.20 8.24
N ASN B 220 -0.96 -7.04 7.45
CA ASN B 220 -0.02 -8.13 7.24
C ASN B 220 0.62 -8.53 8.57
N LYS B 221 1.19 -7.56 9.28
CA LYS B 221 1.85 -7.85 10.55
C LYS B 221 0.84 -8.34 11.58
N GLY B 222 -0.37 -7.78 11.57
CA GLY B 222 -1.43 -8.29 12.42
C GLY B 222 -1.75 -9.74 12.12
N MET B 223 -1.81 -10.10 10.84
CA MET B 223 -2.11 -11.48 10.48
C MET B 223 -1.01 -12.43 10.93
N GLU B 224 0.24 -12.02 10.82
CA GLU B 224 1.34 -12.83 11.33
C GLU B 224 1.30 -12.92 12.85
N HIS B 225 0.91 -11.84 13.51
CA HIS B 225 0.81 -11.84 14.97
C HIS B 225 -0.37 -12.67 15.45
N LEU B 226 -1.48 -12.65 14.70
CA LEU B 226 -2.60 -13.53 15.02
C LEU B 226 -2.21 -14.99 14.82
N TYR B 227 -1.46 -15.27 13.75
CA TYR B 227 -0.97 -16.63 13.49
C TYR B 227 0.05 -17.11 14.51
N SER B 228 0.55 -16.23 15.37
CA SER B 228 1.56 -16.61 16.35
C SER B 228 0.93 -16.91 17.71
N VAL B 235 -8.77 -16.09 10.72
CA VAL B 235 -9.11 -16.06 9.30
C VAL B 235 -10.50 -16.64 9.05
N PRO B 236 -11.41 -15.83 8.51
CA PRO B 236 -12.74 -16.33 8.16
C PRO B 236 -12.68 -17.17 6.89
N SER B 237 -13.29 -18.34 6.94
CA SER B 237 -13.26 -19.25 5.81
C SER B 237 -14.11 -18.72 4.66
N TYR B 238 -13.85 -19.25 3.46
CA TYR B 238 -14.64 -18.90 2.30
C TYR B 238 -16.12 -19.21 2.53
N ASP B 239 -16.41 -20.40 3.07
CA ASP B 239 -17.79 -20.80 3.31
C ASP B 239 -18.49 -19.87 4.27
N LEU B 240 -17.78 -19.40 5.30
CA LEU B 240 -18.40 -18.50 6.27
C LEU B 240 -18.75 -17.17 5.62
N LEU B 241 -17.81 -16.57 4.90
CA LEU B 241 -18.08 -15.31 4.22
C LEU B 241 -19.21 -15.46 3.22
N LEU B 242 -19.26 -16.59 2.52
CA LEU B 242 -20.31 -16.81 1.54
C LEU B 242 -21.68 -16.89 2.19
N GLU B 243 -21.77 -17.54 3.36
CA GLU B 243 -23.07 -17.70 4.01
C GLU B 243 -23.56 -16.39 4.63
N MET B 244 -22.64 -15.58 5.18
CA MET B 244 -23.05 -14.25 5.64
C MET B 244 -23.47 -13.36 4.48
N LEU B 245 -22.93 -13.61 3.28
CA LEU B 245 -23.42 -12.91 2.09
C LEU B 245 -24.78 -13.48 1.68
N1 TT5 C . 13.93 -12.28 -4.91
C4 TT5 C . 14.75 -8.60 -7.01
C5 TT5 C . 14.48 -9.82 -6.13
C6 TT5 C . 15.48 -10.66 -5.87
C7 TT5 C . 13.05 -10.03 -5.55
C8 TT5 C . 12.91 -11.24 -4.59
C10 TT5 C . 13.59 -13.71 -5.17
C13 TT5 C . 9.96 -14.67 -6.29
C15 TT5 C . 10.24 -15.33 -3.93
C17 TT5 C . 15.95 -11.66 -3.60
C20 TT5 C . 17.16 -11.25 -1.05
C21 TT5 C . 16.23 -10.16 -1.63
C22 TT5 C . 15.67 -10.36 -2.82
C24 TT5 C . 12.19 -10.91 -3.24
C26 TT5 C . 19.69 -11.32 1.71
C28 TT5 C . 22.33 -9.06 2.56
C1 TT5 C . 16.89 -10.43 -6.45
C11 TT5 C . 12.12 -14.26 -5.15
C12 TT5 C . 11.41 -14.16 -6.26
C14 TT5 C . 9.42 -15.20 -5.21
C16 TT5 C . 11.50 -14.88 -3.88
C18 TT5 C . 16.76 -12.58 -3.10
C19 TT5 C . 17.42 -12.36 -1.72
C2 TT5 C . 17.10 -9.36 -7.22
C23 TT5 C . 11.36 -11.22 -4.44
C25 TT5 C . 19.14 -11.44 0.25
C27 TT5 C . 21.41 -10.31 2.52
C29 TT5 C . 21.47 -7.78 2.67
C3 TT5 C . 15.96 -8.38 -7.52
C30 TT5 C . 20.49 -7.77 1.48
C31 TT5 C . 20.06 -9.20 1.09
C9 TT5 C . 15.32 -11.90 -5.00
N2 TT5 C . 20.18 -10.12 2.04
O1 TT5 C . 14.47 -14.46 -5.44
O2 TT5 C . 16.20 -7.26 -8.34
O3 TT5 C . 17.77 -11.05 0.22
N1 TT5 D . -7.21 -6.53 16.97
C4 TT5 D . -10.15 -3.93 15.57
C5 TT5 D . -9.14 -4.96 16.01
C6 TT5 D . -9.50 -6.01 16.69
C7 TT5 D . -7.69 -4.70 15.57
C8 TT5 D . -6.78 -5.90 15.77
C10 TT5 D . -6.32 -6.65 18.12
C13 TT5 D . -3.51 -4.13 18.70
C15 TT5 D . -2.50 -6.34 18.25
C17 TT5 D . -8.67 -8.41 16.39
C20 TT5 D . -8.93 -10.90 15.12
C21 TT5 D . -8.89 -9.65 14.30
C22 TT5 D . -8.77 -8.48 14.88
C24 TT5 D . -5.91 -6.39 14.58
C26 TT5 D . -10.17 -14.28 14.52
C28 TT5 D . -12.20 -13.36 11.81
C1 TT5 D . -10.95 -6.22 17.08
C11 TT5 D . -4.89 -6.08 18.23
C12 TT5 D . -4.83 -4.81 18.52
C14 TT5 D . -2.44 -4.86 18.56
C16 TT5 D . -3.65 -6.93 18.11
C18 TT5 D . -8.70 -9.50 17.10
C19 TT5 D . -8.85 -10.84 16.42
C2 TT5 D . -11.81 -5.33 16.71
C23 TT5 D . -5.45 -5.22 15.35
C25 TT5 D . -9.90 -12.97 15.27
C27 TT5 D . -11.24 -13.30 13.01
C29 TT5 D . -13.15 -14.54 11.83
C3 TT5 D . -11.37 -4.10 15.89
C30 TT5 D . -12.60 -15.74 12.60
C31 TT5 D . -11.23 -15.39 13.18
C9 TT5 D . -8.51 -7.06 17.12
N2 TT5 D . -11.27 -14.29 13.84
O1 TT5 D . -6.74 -7.17 19.06
O2 TT5 D . -12.25 -3.14 15.49
O3 TT5 D . -9.07 -12.13 14.51
#